data_9KYZ
#
_entry.id   9KYZ
#
_cell.length_a   1.00
_cell.length_b   1.00
_cell.length_c   1.00
_cell.angle_alpha   90.00
_cell.angle_beta   90.00
_cell.angle_gamma   90.00
#
_symmetry.space_group_name_H-M   'P 1'
#
loop_
_entity.id
_entity.type
_entity.pdbx_description
1 polymer 'Protein OPG161'
2 polymer mab975HC
3 polymer mab975KC
#
loop_
_entity_poly.entity_id
_entity_poly.type
_entity_poly.pdbx_seq_one_letter_code
_entity_poly.pdbx_strand_id
1 'polypeptide(L)'
;CNGLYYQGSCYILHSDYKSFEDAKANCAAESSTLPNKSDVLTTWLIDYVEDTWGSDGNPITKTTSDYQDSDVSQEVRKYF
CT
;
C,D
2 'polypeptide(L)'
;VQLQESGPGLVKPSGTLSLTCAVSRASISSSNWWSWLRQPPGKGLEWIGEIFHSGSTNYNPSLRSRVTISVDKSKNQFSL
NVSSVTAADTAVYYCARSQGGSGLFRAKWFDPWGQGTLVTV
;
A
3 'polypeptide(L)'
;EIVLTQSPGTLSLSPGERATLSCRASQSVSSSYLAWYQHKPGQAPRLLMYGASSRAPGTPDRFSGSGSGTDFTLTISRLE
PEDFAVYYCQQYGSSPRTFGQGTKV
;
B
#
# COMPACT_ATOMS: atom_id res chain seq x y z
N CYS A 1 -18.08 -20.20 10.97
CA CYS A 1 -17.05 -20.64 9.98
C CYS A 1 -15.78 -19.82 10.15
N ASN A 2 -14.85 -19.97 9.21
CA ASN A 2 -13.57 -19.28 9.25
C ASN A 2 -13.70 -17.80 8.89
N GLY A 3 -14.77 -17.41 8.21
CA GLY A 3 -14.91 -16.04 7.75
C GLY A 3 -16.11 -15.29 8.30
N LEU A 4 -16.45 -14.17 7.66
CA LEU A 4 -17.55 -13.34 8.11
C LEU A 4 -18.88 -14.03 7.86
N TYR A 5 -19.94 -13.50 8.46
CA TYR A 5 -21.26 -14.14 8.43
C TYR A 5 -22.35 -13.12 8.19
N TYR A 6 -23.32 -13.48 7.35
CA TYR A 6 -24.50 -12.67 7.10
C TYR A 6 -25.57 -13.50 6.39
N GLN A 7 -26.75 -13.55 7.01
CA GLN A 7 -27.91 -14.25 6.48
C GLN A 7 -27.54 -15.68 6.09
N GLY A 8 -26.73 -16.31 6.93
CA GLY A 8 -26.32 -17.68 6.68
C GLY A 8 -25.30 -17.85 5.58
N SER A 9 -24.57 -16.78 5.25
CA SER A 9 -23.59 -16.80 4.16
C SER A 9 -22.21 -16.54 4.75
N CYS A 10 -21.26 -17.42 4.44
CA CYS A 10 -19.90 -17.33 4.96
C CYS A 10 -19.00 -16.75 3.89
N TYR A 11 -18.27 -15.69 4.25
CA TYR A 11 -17.38 -14.98 3.33
C TYR A 11 -15.95 -15.26 3.75
N ILE A 12 -15.16 -15.81 2.82
CA ILE A 12 -13.79 -16.23 3.09
C ILE A 12 -12.85 -15.31 2.33
N LEU A 13 -11.79 -14.87 2.98
CA LEU A 13 -10.84 -13.94 2.40
C LEU A 13 -9.69 -14.70 1.76
N HIS A 14 -9.42 -14.41 0.48
CA HIS A 14 -8.24 -14.91 -0.22
C HIS A 14 -7.32 -13.72 -0.42
N SER A 15 -6.38 -13.54 0.51
CA SER A 15 -5.58 -12.33 0.53
C SER A 15 -4.76 -12.15 -0.73
N ASP A 16 -4.48 -13.23 -1.46
CA ASP A 16 -3.70 -13.11 -2.69
C ASP A 16 -4.38 -12.16 -3.65
N TYR A 17 -3.62 -11.24 -4.22
CA TYR A 17 -4.15 -10.26 -5.14
C TYR A 17 -4.22 -10.86 -6.55
N LYS A 18 -5.40 -10.79 -7.16
CA LYS A 18 -5.64 -11.44 -8.44
C LYS A 18 -6.70 -10.67 -9.21
N SER A 19 -6.72 -10.88 -10.52
CA SER A 19 -7.67 -10.18 -11.38
C SER A 19 -9.06 -10.77 -11.22
N PHE A 20 -10.00 -10.26 -12.02
CA PHE A 20 -11.38 -10.72 -11.91
C PHE A 20 -11.55 -12.15 -12.40
N GLU A 21 -10.85 -12.52 -13.47
CA GLU A 21 -11.03 -13.84 -14.05
C GLU A 21 -10.39 -14.91 -13.18
N ASP A 22 -9.18 -14.64 -12.67
CA ASP A 22 -8.56 -15.59 -11.74
C ASP A 22 -9.38 -15.69 -10.47
N ALA A 23 -9.96 -14.59 -10.01
CA ALA A 23 -10.83 -14.65 -8.84
C ALA A 23 -12.05 -15.53 -9.10
N LYS A 24 -12.67 -15.38 -10.28
CA LYS A 24 -13.80 -16.23 -10.63
C LYS A 24 -13.39 -17.69 -10.66
N ALA A 25 -12.24 -17.99 -11.27
CA ALA A 25 -11.78 -19.37 -11.33
C ALA A 25 -11.53 -19.93 -9.94
N ASN A 26 -10.87 -19.16 -9.08
CA ASN A 26 -10.59 -19.64 -7.73
C ASN A 26 -11.87 -19.89 -6.95
N CYS A 27 -12.85 -18.99 -7.08
CA CYS A 27 -14.11 -19.19 -6.40
C CYS A 27 -14.84 -20.42 -6.94
N ALA A 28 -14.79 -20.62 -8.26
CA ALA A 28 -15.42 -21.80 -8.86
C ALA A 28 -14.77 -23.07 -8.34
N ALA A 29 -13.45 -23.06 -8.15
CA ALA A 29 -12.77 -24.21 -7.56
C ALA A 29 -13.30 -24.47 -6.16
N GLU A 30 -13.55 -23.41 -5.39
CA GLU A 30 -14.11 -23.55 -4.05
C GLU A 30 -15.60 -23.91 -4.09
N SER A 31 -16.23 -23.90 -5.26
CA SER A 31 -17.65 -24.13 -5.45
C SER A 31 -18.48 -22.91 -5.05
N SER A 32 -17.84 -21.80 -4.73
CA SER A 32 -18.51 -20.55 -4.39
C SER A 32 -18.30 -19.53 -5.50
N THR A 33 -18.82 -18.33 -5.29
CA THR A 33 -18.75 -17.26 -6.28
C THR A 33 -18.41 -15.95 -5.59
N LEU A 34 -18.20 -14.92 -6.39
CA LEU A 34 -17.90 -13.60 -5.85
C LEU A 34 -19.16 -12.98 -5.24
N PRO A 35 -19.01 -12.07 -4.28
CA PRO A 35 -20.19 -11.44 -3.68
C PRO A 35 -20.93 -10.56 -4.67
N ASN A 36 -22.23 -10.46 -4.47
CA ASN A 36 -23.05 -9.55 -5.26
C ASN A 36 -23.14 -8.19 -4.58
N LYS A 37 -23.17 -7.13 -5.40
CA LYS A 37 -23.19 -5.77 -4.85
C LYS A 37 -24.43 -5.51 -4.02
N SER A 38 -25.57 -6.09 -4.41
CA SER A 38 -26.82 -5.80 -3.72
C SER A 38 -26.78 -6.26 -2.27
N ASP A 39 -26.23 -7.44 -2.02
CA ASP A 39 -26.30 -8.02 -0.68
C ASP A 39 -25.36 -7.30 0.29
N VAL A 40 -24.34 -6.60 -0.21
CA VAL A 40 -23.33 -6.04 0.68
C VAL A 40 -23.51 -4.53 0.91
N LEU A 41 -24.21 -3.84 0.02
CA LEU A 41 -24.30 -2.38 0.11
C LEU A 41 -24.95 -1.94 1.41
N THR A 42 -25.99 -2.66 1.86
CA THR A 42 -26.80 -2.25 3.00
C THR A 42 -26.39 -2.98 4.27
N THR A 43 -25.09 -3.19 4.48
CA THR A 43 -24.65 -3.96 5.62
C THR A 43 -23.29 -3.45 6.04
N TRP A 44 -22.94 -3.75 7.30
CA TRP A 44 -21.59 -3.51 7.78
C TRP A 44 -20.56 -4.29 6.98
N LEU A 45 -20.96 -5.42 6.40
CA LEU A 45 -20.09 -6.19 5.53
C LEU A 45 -19.41 -5.29 4.52
N ILE A 46 -20.07 -4.20 4.14
CA ILE A 46 -19.52 -3.30 3.13
C ILE A 46 -18.14 -2.83 3.55
N ASP A 47 -17.99 -2.45 4.83
CA ASP A 47 -16.70 -1.94 5.29
C ASP A 47 -15.59 -2.96 5.07
N TYR A 48 -15.91 -4.25 5.07
CA TYR A 48 -14.91 -5.27 4.80
C TYR A 48 -14.78 -5.58 3.32
N VAL A 49 -15.87 -5.44 2.55
CA VAL A 49 -15.87 -5.90 1.17
C VAL A 49 -15.56 -4.80 0.18
N GLU A 50 -15.36 -3.57 0.66
CA GLU A 50 -15.05 -2.47 -0.24
C GLU A 50 -13.70 -2.68 -0.91
N ASP A 51 -13.62 -2.28 -2.17
CA ASP A 51 -12.42 -2.48 -2.97
C ASP A 51 -12.06 -3.96 -3.10
N THR A 52 -13.07 -4.82 -3.08
CA THR A 52 -12.92 -6.23 -3.37
C THR A 52 -13.87 -6.59 -4.51
N TRP A 53 -13.46 -7.56 -5.31
CA TRP A 53 -14.16 -7.84 -6.55
C TRP A 53 -15.59 -8.31 -6.28
N GLY A 54 -16.47 -8.03 -7.23
CA GLY A 54 -17.83 -8.52 -7.19
C GLY A 54 -18.17 -9.22 -8.50
N SER A 55 -19.31 -9.91 -8.48
CA SER A 55 -19.72 -10.65 -9.67
C SER A 55 -19.93 -9.74 -10.86
N ASP A 56 -20.31 -8.48 -10.62
CA ASP A 56 -20.59 -7.57 -11.72
C ASP A 56 -19.36 -7.30 -12.58
N GLY A 57 -18.16 -7.53 -12.04
CA GLY A 57 -16.93 -7.30 -12.76
C GLY A 57 -16.23 -6.02 -12.38
N ASN A 58 -16.89 -5.13 -11.65
CA ASN A 58 -16.29 -3.90 -11.17
C ASN A 58 -16.09 -3.97 -9.67
N PRO A 59 -15.13 -3.22 -9.12
CA PRO A 59 -14.92 -3.25 -7.66
C PRO A 59 -16.18 -2.82 -6.93
N ILE A 60 -16.42 -3.46 -5.78
CA ILE A 60 -17.58 -3.13 -4.97
C ILE A 60 -17.35 -1.80 -4.27
N THR A 61 -18.32 -0.89 -4.38
CA THR A 61 -18.21 0.42 -3.75
C THR A 61 -19.60 1.01 -3.59
N LYS A 62 -19.70 2.04 -2.74
CA LYS A 62 -20.93 2.78 -2.53
C LYS A 62 -21.06 3.99 -3.43
N THR A 63 -20.09 4.24 -4.30
CA THR A 63 -20.06 5.44 -5.12
C THR A 63 -20.76 5.17 -6.45
N THR A 64 -20.63 6.08 -7.42
CA THR A 64 -21.19 6.01 -8.76
C THR A 64 -22.66 6.44 -8.76
N SER A 65 -23.19 6.96 -7.66
CA SER A 65 -24.61 7.41 -7.61
C SER A 65 -25.56 6.30 -8.02
N VAL A 72 -12.52 -3.51 -14.36
CA VAL A 72 -11.51 -3.56 -15.41
C VAL A 72 -10.65 -4.81 -15.24
N SER A 73 -10.40 -5.51 -16.35
CA SER A 73 -9.62 -6.73 -16.30
C SER A 73 -8.15 -6.46 -15.99
N GLN A 74 -7.72 -5.20 -16.07
CA GLN A 74 -6.33 -4.86 -15.85
C GLN A 74 -5.99 -4.69 -14.37
N GLU A 75 -6.95 -4.83 -13.48
CA GLU A 75 -6.73 -4.64 -12.05
C GLU A 75 -6.74 -5.98 -11.32
N VAL A 76 -6.05 -6.00 -10.18
CA VAL A 76 -6.04 -7.15 -9.27
C VAL A 76 -6.35 -6.63 -7.87
N ARG A 77 -7.30 -7.28 -7.19
CA ARG A 77 -7.72 -6.83 -5.87
C ARG A 77 -8.14 -8.03 -5.05
N LYS A 78 -7.99 -7.90 -3.73
CA LYS A 78 -8.35 -8.99 -2.84
C LYS A 78 -9.81 -9.35 -3.02
N TYR A 79 -10.09 -10.64 -3.15
CA TYR A 79 -11.42 -11.13 -3.51
C TYR A 79 -11.97 -12.01 -2.41
N PHE A 80 -13.23 -11.78 -2.05
CA PHE A 80 -13.93 -12.67 -1.14
C PHE A 80 -14.57 -13.82 -1.90
N CYS A 81 -15.11 -14.77 -1.17
CA CYS A 81 -15.79 -15.92 -1.76
C CYS A 81 -16.88 -16.40 -0.80
N THR A 82 -18.10 -16.52 -1.31
CA THR A 82 -19.23 -16.96 -0.49
C THR A 82 -19.78 -18.28 -0.97
N CYS B 1 -22.03 -12.17 16.00
CA CYS B 1 -21.91 -10.72 16.28
C CYS B 1 -21.60 -9.94 15.01
N ASN B 2 -21.41 -8.63 15.15
CA ASN B 2 -21.25 -7.75 14.00
C ASN B 2 -19.78 -7.59 13.60
N GLY B 3 -19.10 -8.71 13.41
CA GLY B 3 -17.69 -8.68 13.05
C GLY B 3 -17.07 -10.05 13.10
N LEU B 4 -15.76 -10.08 13.30
CA LEU B 4 -15.03 -11.33 13.36
C LEU B 4 -15.19 -11.97 14.74
N TYR B 5 -15.01 -13.29 14.78
CA TYR B 5 -15.18 -14.04 16.03
C TYR B 5 -14.14 -15.15 16.08
N TYR B 6 -13.50 -15.31 17.23
CA TYR B 6 -12.49 -16.34 17.41
C TYR B 6 -12.43 -16.74 18.88
N GLN B 7 -12.67 -18.02 19.15
CA GLN B 7 -12.56 -18.57 20.50
C GLN B 7 -13.35 -17.73 21.51
N GLY B 8 -14.55 -17.33 21.11
CA GLY B 8 -15.42 -16.62 22.03
C GLY B 8 -15.14 -15.14 22.16
N SER B 9 -14.11 -14.63 21.49
CA SER B 9 -13.80 -13.20 21.48
C SER B 9 -14.21 -12.62 20.15
N CYS B 10 -15.05 -11.59 20.19
CA CYS B 10 -15.62 -11.00 18.99
C CYS B 10 -15.02 -9.60 18.79
N TYR B 11 -14.47 -9.38 17.59
CA TYR B 11 -13.80 -8.13 17.25
C TYR B 11 -14.65 -7.39 16.22
N ILE B 12 -14.97 -6.12 16.53
CA ILE B 12 -15.73 -5.25 15.65
C ILE B 12 -14.76 -4.24 15.05
N LEU B 13 -14.82 -4.08 13.74
CA LEU B 13 -13.99 -3.09 13.07
C LEU B 13 -14.51 -1.68 13.34
N HIS B 14 -13.62 -0.70 13.20
CA HIS B 14 -14.01 0.70 13.21
C HIS B 14 -13.35 1.37 12.02
N SER B 15 -14.16 1.79 11.04
CA SER B 15 -13.61 2.32 9.79
C SER B 15 -12.88 3.64 10.01
N ASP B 16 -13.26 4.40 11.04
CA ASP B 16 -12.63 5.69 11.25
C ASP B 16 -11.14 5.52 11.52
N TYR B 17 -10.36 6.48 11.03
CA TYR B 17 -8.91 6.48 11.22
C TYR B 17 -8.58 7.31 12.45
N LYS B 18 -7.91 6.71 13.42
CA LYS B 18 -7.54 7.43 14.63
C LYS B 18 -6.24 6.85 15.19
N SER B 19 -5.58 7.65 16.02
CA SER B 19 -4.29 7.28 16.58
C SER B 19 -4.48 6.20 17.64
N PHE B 20 -3.38 5.79 18.28
CA PHE B 20 -3.44 4.70 19.23
C PHE B 20 -4.24 5.09 20.47
N GLU B 21 -3.98 6.27 21.02
CA GLU B 21 -4.65 6.67 22.25
C GLU B 21 -6.16 6.77 22.04
N ASP B 22 -6.58 7.39 20.94
CA ASP B 22 -8.01 7.50 20.67
C ASP B 22 -8.63 6.13 20.42
N ALA B 23 -7.90 5.23 19.75
CA ALA B 23 -8.42 3.89 19.52
C ALA B 23 -8.63 3.16 20.85
N LYS B 24 -7.65 3.26 21.74
CA LYS B 24 -7.79 2.62 23.05
C LYS B 24 -8.93 3.24 23.83
N ALA B 25 -9.08 4.57 23.77
CA ALA B 25 -10.16 5.22 24.49
C ALA B 25 -11.51 4.73 24.00
N ASN B 26 -11.68 4.64 22.68
CA ASN B 26 -12.94 4.17 22.13
C ASN B 26 -13.20 2.71 22.51
N CYS B 27 -12.18 1.86 22.40
CA CYS B 27 -12.36 0.47 22.78
C CYS B 27 -12.79 0.36 24.23
N ALA B 28 -12.11 1.08 25.13
CA ALA B 28 -12.45 1.01 26.54
C ALA B 28 -13.85 1.54 26.80
N ALA B 29 -14.21 2.65 26.16
CA ALA B 29 -15.55 3.19 26.34
C ALA B 29 -16.61 2.21 25.84
N GLU B 30 -16.27 1.36 24.88
CA GLU B 30 -17.19 0.35 24.36
C GLU B 30 -16.99 -1.00 25.05
N SER B 31 -16.56 -0.98 26.32
CA SER B 31 -16.38 -2.20 27.09
C SER B 31 -15.56 -3.23 26.32
N SER B 32 -14.41 -2.78 25.81
CA SER B 32 -13.55 -3.64 25.00
C SER B 32 -12.13 -3.09 25.02
N THR B 33 -11.20 -3.90 24.53
CA THR B 33 -9.80 -3.54 24.45
C THR B 33 -9.29 -3.81 23.04
N LEU B 34 -8.14 -3.22 22.72
CA LEU B 34 -7.56 -3.45 21.41
C LEU B 34 -7.09 -4.89 21.28
N PRO B 35 -7.08 -5.44 20.08
CA PRO B 35 -6.71 -6.85 19.91
C PRO B 35 -5.29 -7.12 20.38
N ASN B 36 -5.08 -8.30 20.93
CA ASN B 36 -3.77 -8.72 21.40
C ASN B 36 -3.05 -9.45 20.28
N LYS B 37 -1.81 -9.04 19.99
CA LYS B 37 -1.05 -9.67 18.93
C LYS B 37 -0.78 -11.14 19.20
N SER B 38 -0.76 -11.55 20.47
CA SER B 38 -0.46 -12.94 20.79
C SER B 38 -1.53 -13.88 20.22
N ASP B 39 -2.80 -13.52 20.38
CA ASP B 39 -3.88 -14.39 19.94
C ASP B 39 -4.17 -14.27 18.45
N VAL B 40 -3.70 -13.20 17.81
CA VAL B 40 -4.04 -12.96 16.41
C VAL B 40 -2.93 -13.35 15.44
N LEU B 41 -1.73 -13.66 15.94
CA LEU B 41 -0.59 -13.91 15.05
C LEU B 41 -0.84 -15.13 14.19
N THR B 42 -0.98 -16.30 14.82
CA THR B 42 -1.06 -17.56 14.06
C THR B 42 -2.42 -17.74 13.39
N THR B 43 -3.49 -17.27 14.02
CA THR B 43 -4.83 -17.54 13.51
C THR B 43 -5.07 -16.77 12.22
N TRP B 44 -6.12 -17.17 11.50
CA TRP B 44 -6.47 -16.53 10.24
C TRP B 44 -6.76 -15.05 10.42
N LEU B 45 -7.19 -14.64 11.62
CA LEU B 45 -7.62 -13.27 11.84
C LEU B 45 -6.60 -12.26 11.33
N ILE B 46 -5.32 -12.65 11.29
CA ILE B 46 -4.28 -11.69 10.91
C ILE B 46 -4.56 -11.13 9.52
N ASP B 47 -5.04 -11.97 8.61
CA ASP B 47 -5.32 -11.50 7.26
C ASP B 47 -6.25 -10.29 7.27
N TYR B 48 -7.20 -10.27 8.21
CA TYR B 48 -8.10 -9.13 8.33
C TYR B 48 -7.55 -8.05 9.26
N VAL B 49 -6.65 -8.43 10.18
CA VAL B 49 -6.23 -7.54 11.25
C VAL B 49 -4.90 -6.84 10.94
N GLU B 50 -4.27 -7.16 9.82
CA GLU B 50 -3.01 -6.53 9.49
C GLU B 50 -3.19 -5.02 9.34
N ASP B 51 -2.16 -4.28 9.75
CA ASP B 51 -2.17 -2.82 9.67
C ASP B 51 -3.34 -2.23 10.46
N THR B 52 -3.62 -2.81 11.62
CA THR B 52 -4.53 -2.25 12.59
C THR B 52 -3.83 -2.17 13.94
N TRP B 53 -4.47 -1.52 14.91
CA TRP B 53 -3.79 -1.23 16.16
C TRP B 53 -3.82 -2.44 17.09
N GLY B 54 -2.85 -2.47 18.01
CA GLY B 54 -2.77 -3.51 19.01
C GLY B 54 -2.53 -2.91 20.39
N SER B 55 -2.61 -3.76 21.40
CA SER B 55 -2.45 -3.28 22.77
C SER B 55 -1.06 -2.70 22.98
N ASP B 56 -0.03 -3.33 22.42
CA ASP B 56 1.33 -2.85 22.62
C ASP B 56 1.54 -1.46 22.04
N GLY B 57 0.65 -1.00 21.17
CA GLY B 57 0.77 0.31 20.58
C GLY B 57 1.40 0.35 19.21
N ASN B 58 1.50 -0.79 18.53
CA ASN B 58 2.10 -0.87 17.21
C ASN B 58 1.15 -1.60 16.27
N PRO B 59 1.21 -1.30 14.97
CA PRO B 59 0.38 -2.03 14.01
C PRO B 59 0.69 -3.52 14.04
N ILE B 60 -0.35 -4.34 13.86
CA ILE B 60 -0.21 -5.78 13.97
C ILE B 60 0.34 -6.33 12.65
N THR B 61 1.36 -7.17 12.76
CA THR B 61 2.02 -7.76 11.60
C THR B 61 2.32 -9.22 11.91
N LYS B 62 2.75 -9.95 10.88
CA LYS B 62 3.07 -11.36 11.06
C LYS B 62 4.48 -11.61 11.58
N THR B 63 5.31 -10.57 11.66
CA THR B 63 6.66 -10.75 12.17
C THR B 63 6.61 -11.25 13.61
N THR B 64 7.52 -12.19 13.93
CA THR B 64 7.51 -12.78 15.26
C THR B 64 7.94 -11.77 16.33
N SER B 65 9.00 -11.02 16.05
CA SER B 65 9.55 -10.09 17.03
C SER B 65 10.17 -8.92 16.27
N ASP B 66 11.03 -8.16 16.96
CA ASP B 66 11.67 -6.99 16.37
C ASP B 66 10.62 -5.99 15.92
N TYR B 67 9.80 -5.53 16.86
CA TYR B 67 8.76 -4.54 16.56
C TYR B 67 9.37 -3.29 15.93
N GLN B 68 8.54 -2.47 15.29
CA GLN B 68 9.02 -1.28 14.62
C GLN B 68 9.69 -0.34 15.62
N ASP B 69 11.02 -0.22 15.53
CA ASP B 69 11.72 0.69 16.43
C ASP B 69 11.31 2.14 16.16
N SER B 70 11.15 2.50 14.89
CA SER B 70 10.73 3.86 14.56
C SER B 70 9.36 4.13 15.16
N ASP B 71 9.20 5.36 15.68
CA ASP B 71 7.95 5.71 16.34
C ASP B 71 6.77 5.62 15.38
N VAL B 72 5.69 5.02 15.85
CA VAL B 72 4.43 4.94 15.11
C VAL B 72 3.28 5.58 15.88
N SER B 73 3.58 6.24 17.01
CA SER B 73 2.51 6.79 17.83
C SER B 73 1.72 7.85 17.09
N GLN B 74 2.41 8.73 16.36
CA GLN B 74 1.75 9.82 15.64
C GLN B 74 1.39 9.35 14.22
N GLU B 75 0.43 8.43 14.17
CA GLU B 75 -0.03 7.87 12.90
C GLU B 75 -1.50 7.49 13.05
N VAL B 76 -2.15 7.31 11.91
CA VAL B 76 -3.58 7.00 11.84
C VAL B 76 -3.74 5.61 11.26
N ARG B 77 -4.63 4.82 11.85
CA ARG B 77 -4.83 3.44 11.44
C ARG B 77 -6.17 2.95 11.98
N LYS B 78 -6.87 2.16 11.18
CA LYS B 78 -8.14 1.59 11.63
C LYS B 78 -7.89 0.60 12.77
N TYR B 79 -8.90 0.43 13.63
CA TYR B 79 -8.75 -0.35 14.84
C TYR B 79 -9.93 -1.29 15.03
N PHE B 80 -9.64 -2.42 15.67
CA PHE B 80 -10.65 -3.37 16.09
C PHE B 80 -10.86 -3.27 17.59
N CYS B 81 -12.10 -3.39 18.02
CA CYS B 81 -12.45 -3.39 19.44
C CYS B 81 -13.20 -4.68 19.75
N THR B 82 -12.75 -5.41 20.76
CA THR B 82 -13.39 -6.67 21.12
C THR B 82 -14.82 -6.43 21.56
N VAL C 1 -6.07 6.19 -14.61
CA VAL C 1 -5.81 7.25 -13.60
C VAL C 1 -4.52 7.97 -13.91
N GLN C 2 -4.63 9.07 -14.65
CA GLN C 2 -3.48 9.87 -15.06
C GLN C 2 -3.21 10.92 -13.99
N LEU C 3 -2.02 10.89 -13.42
CA LEU C 3 -1.60 11.85 -12.41
C LEU C 3 -0.48 12.72 -12.97
N GLN C 4 -0.65 14.03 -12.85
CA GLN C 4 0.32 15.00 -13.37
C GLN C 4 0.69 15.96 -12.26
N GLU C 5 1.99 16.16 -12.06
CA GLU C 5 2.50 17.01 -10.99
C GLU C 5 2.82 18.39 -11.55
N SER C 6 2.56 19.42 -10.75
CA SER C 6 2.83 20.80 -11.13
C SER C 6 3.11 21.61 -9.87
N GLY C 7 4.16 22.42 -9.91
CA GLY C 7 4.53 23.24 -8.78
C GLY C 7 5.71 24.14 -9.10
N PRO C 8 6.10 24.97 -8.13
CA PRO C 8 7.22 25.88 -8.36
C PRO C 8 8.55 25.15 -8.28
N GLY C 9 9.35 25.28 -9.33
CA GLY C 9 10.63 24.58 -9.37
C GLY C 9 11.60 25.07 -8.32
N LEU C 10 11.59 26.37 -8.04
CA LEU C 10 12.57 27.00 -7.16
C LEU C 10 11.89 27.43 -5.87
N VAL C 11 12.44 26.96 -4.74
CA VAL C 11 11.98 27.36 -3.42
C VAL C 11 13.22 27.62 -2.58
N LYS C 12 13.40 28.86 -2.12
CA LYS C 12 14.61 29.21 -1.40
C LYS C 12 14.64 28.50 -0.05
N PRO C 13 15.82 28.38 0.56
CA PRO C 13 15.94 27.64 1.82
C PRO C 13 15.02 28.19 2.89
N SER C 14 14.47 27.28 3.69
CA SER C 14 13.58 27.55 4.82
C SER C 14 12.18 27.94 4.36
N GLY C 15 11.94 28.08 3.06
CA GLY C 15 10.62 28.40 2.57
C GLY C 15 9.72 27.19 2.51
N THR C 16 8.48 27.44 2.10
CA THR C 16 7.48 26.38 1.95
C THR C 16 7.35 26.05 0.47
N LEU C 17 7.63 24.80 0.12
CA LEU C 17 7.52 24.31 -1.25
C LEU C 17 6.19 23.60 -1.39
N SER C 18 5.33 24.11 -2.27
CA SER C 18 3.98 23.60 -2.45
C SER C 18 3.88 22.96 -3.82
N LEU C 19 3.66 21.65 -3.84
CA LEU C 19 3.48 20.89 -5.07
C LEU C 19 2.07 20.34 -5.12
N THR C 20 1.35 20.63 -6.20
CA THR C 20 -0.04 20.22 -6.37
C THR C 20 -0.13 19.23 -7.53
N CYS C 21 -0.86 18.15 -7.33
CA CYS C 21 -1.07 17.14 -8.35
C CYS C 21 -2.54 17.05 -8.69
N ALA C 22 -2.83 16.74 -9.95
CA ALA C 22 -4.19 16.69 -10.47
C ALA C 22 -4.58 15.25 -10.74
N VAL C 23 -5.69 14.82 -10.14
CA VAL C 23 -6.23 13.49 -10.39
C VAL C 23 -7.12 13.55 -11.63
N SER C 24 -6.89 12.65 -12.57
CA SER C 24 -7.64 12.60 -13.81
C SER C 24 -8.08 11.17 -14.07
N ARG C 25 -9.18 11.03 -14.82
CA ARG C 25 -9.80 9.76 -15.16
C ARG C 25 -10.44 9.08 -13.97
N ALA C 26 -10.39 9.68 -12.78
CA ALA C 26 -10.99 9.10 -11.58
C ALA C 26 -11.29 10.24 -10.62
N SER C 27 -11.85 9.88 -9.47
CA SER C 27 -12.27 10.85 -8.46
C SER C 27 -11.31 10.82 -7.28
N ILE C 28 -10.96 12.01 -6.78
CA ILE C 28 -10.16 12.08 -5.57
C ILE C 28 -10.94 11.50 -4.39
N SER C 29 -12.27 11.60 -4.42
CA SER C 29 -13.10 11.03 -3.38
C SER C 29 -13.13 9.51 -3.42
N SER C 30 -12.59 8.88 -4.46
CA SER C 30 -12.60 7.44 -4.57
C SER C 30 -11.76 6.81 -3.47
N SER C 31 -11.75 5.48 -3.43
CA SER C 31 -11.04 4.73 -2.40
C SER C 31 -9.59 4.57 -2.82
N ASN C 32 -8.82 5.64 -2.65
CA ASN C 32 -7.40 5.61 -2.96
C ASN C 32 -6.67 6.58 -2.05
N TRP C 33 -5.59 6.10 -1.43
CA TRP C 33 -4.73 6.92 -0.58
C TRP C 33 -3.67 7.55 -1.47
N TRP C 34 -3.69 8.88 -1.57
CA TRP C 34 -2.77 9.60 -2.44
C TRP C 34 -1.51 9.96 -1.66
N SER C 35 -0.36 9.45 -2.11
CA SER C 35 0.89 9.62 -1.41
C SER C 35 1.87 10.43 -2.24
N TRP C 36 2.75 11.14 -1.55
CA TRP C 36 3.84 11.88 -2.16
C TRP C 36 5.15 11.22 -1.77
N LEU C 37 6.09 11.16 -2.72
CA LEU C 37 7.37 10.49 -2.51
C LEU C 37 8.49 11.37 -3.03
N ARG C 38 9.71 11.03 -2.65
CA ARG C 38 10.88 11.83 -2.95
C ARG C 38 11.97 10.96 -3.55
N GLN C 39 12.73 11.53 -4.48
CA GLN C 39 13.86 10.85 -5.11
C GLN C 39 15.04 11.81 -5.09
N PRO C 40 15.83 11.82 -4.03
CA PRO C 40 17.03 12.64 -4.01
C PRO C 40 17.95 12.28 -5.15
N PRO C 41 18.64 13.25 -5.75
CA PRO C 41 19.47 12.94 -6.93
C PRO C 41 20.59 11.97 -6.61
N GLY C 42 20.50 10.76 -7.15
CA GLY C 42 21.53 9.75 -6.98
C GLY C 42 21.33 8.84 -5.78
N LYS C 43 20.47 9.21 -4.83
CA LYS C 43 20.24 8.43 -3.62
C LYS C 43 18.91 7.69 -3.73
N GLY C 44 18.62 6.89 -2.71
CA GLY C 44 17.41 6.09 -2.72
C GLY C 44 16.17 6.92 -2.48
N LEU C 45 15.03 6.36 -2.86
CA LEU C 45 13.77 7.05 -2.74
C LEU C 45 13.23 6.97 -1.31
N GLU C 46 12.29 7.85 -1.00
CA GLU C 46 11.67 7.93 0.31
C GLU C 46 10.17 8.08 0.14
N TRP C 47 9.46 8.12 1.27
CA TRP C 47 8.00 8.22 1.30
C TRP C 47 7.66 9.34 2.28
N ILE C 48 7.27 10.49 1.75
CA ILE C 48 7.12 11.69 2.57
C ILE C 48 5.66 11.94 2.97
N GLY C 49 4.83 10.90 2.94
CA GLY C 49 3.50 11.03 3.51
C GLY C 49 2.37 10.57 2.60
N GLU C 50 1.14 10.68 3.10
CA GLU C 50 -0.04 10.27 2.34
C GLU C 50 -1.24 11.01 2.89
N ILE C 51 -2.32 11.00 2.10
CA ILE C 51 -3.54 11.72 2.43
C ILE C 51 -4.72 10.97 1.85
N PHE C 52 -5.92 11.33 2.28
CA PHE C 52 -7.15 10.71 1.81
C PHE C 52 -8.18 11.80 1.57
N HIS C 53 -9.33 11.41 1.00
CA HIS C 53 -10.37 12.38 0.71
C HIS C 53 -10.98 12.97 1.98
N SER C 54 -10.80 12.32 3.12
CA SER C 54 -11.30 12.82 4.40
C SER C 54 -10.31 13.73 5.10
N GLY C 55 -9.13 13.95 4.51
CA GLY C 55 -8.12 14.77 5.12
C GLY C 55 -7.17 14.02 6.03
N SER C 56 -7.43 12.75 6.32
CA SER C 56 -6.53 11.97 7.16
C SER C 56 -5.16 11.89 6.49
N THR C 57 -4.13 12.21 7.26
CA THR C 57 -2.76 12.25 6.74
C THR C 57 -1.86 11.43 7.64
N ASN C 58 -1.06 10.56 7.03
CA ASN C 58 -0.08 9.74 7.73
C ASN C 58 1.29 10.02 7.13
N TYR C 59 2.23 10.45 7.96
CA TYR C 59 3.51 10.95 7.48
C TYR C 59 4.63 9.98 7.84
N ASN C 60 5.77 10.19 7.22
CA ASN C 60 6.99 9.53 7.64
C ASN C 60 7.46 10.13 8.96
N PRO C 61 7.81 9.33 9.97
CA PRO C 61 8.24 9.92 11.23
C PRO C 61 9.40 10.89 11.09
N SER C 62 10.34 10.62 10.17
CA SER C 62 11.48 11.52 10.00
C SER C 62 11.03 12.88 9.49
N LEU C 63 10.08 12.91 8.55
CA LEU C 63 9.63 14.14 7.92
C LEU C 63 8.28 14.61 8.43
N ARG C 64 7.81 14.07 9.56
CA ARG C 64 6.46 14.41 10.03
C ARG C 64 6.35 15.89 10.35
N SER C 65 7.34 16.45 11.03
CA SER C 65 7.24 17.84 11.49
C SER C 65 7.14 18.80 10.32
N ARG C 66 7.98 18.61 9.30
CA ARG C 66 8.13 19.63 8.27
C ARG C 66 6.96 19.65 7.31
N VAL C 67 6.47 18.48 6.91
CA VAL C 67 5.56 18.35 5.78
C VAL C 67 4.12 18.50 6.24
N THR C 68 3.26 18.95 5.32
CA THR C 68 1.83 19.01 5.52
C THR C 68 1.14 18.77 4.18
N ILE C 69 0.35 17.70 4.10
CA ILE C 69 -0.34 17.32 2.87
C ILE C 69 -1.81 17.65 3.02
N SER C 70 -2.39 18.24 1.98
CA SER C 70 -3.78 18.67 1.99
C SER C 70 -4.48 18.19 0.72
N VAL C 71 -5.80 18.21 0.76
CA VAL C 71 -6.63 17.79 -0.36
C VAL C 71 -7.71 18.83 -0.61
N ASP C 72 -7.95 19.13 -1.88
CA ASP C 72 -9.04 20.01 -2.31
C ASP C 72 -9.89 19.22 -3.30
N LYS C 73 -11.11 18.86 -2.89
CA LYS C 73 -11.98 18.04 -3.71
C LYS C 73 -12.62 18.84 -4.84
N SER C 74 -12.81 20.15 -4.65
CA SER C 74 -13.44 20.96 -5.69
C SER C 74 -12.63 20.93 -6.97
N LYS C 75 -11.31 21.07 -6.87
CA LYS C 75 -10.43 21.01 -8.03
C LYS C 75 -9.74 19.66 -8.16
N ASN C 76 -10.10 18.68 -7.34
CA ASN C 76 -9.55 17.33 -7.45
C ASN C 76 -8.03 17.34 -7.41
N GLN C 77 -7.48 18.13 -6.48
CA GLN C 77 -6.04 18.31 -6.38
C GLN C 77 -5.58 18.02 -4.97
N PHE C 78 -4.62 17.12 -4.84
CA PHE C 78 -4.00 16.82 -3.55
C PHE C 78 -2.58 17.37 -3.56
N SER C 79 -2.31 18.29 -2.66
CA SER C 79 -1.06 19.06 -2.65
C SER C 79 -0.27 18.77 -1.39
N LEU C 80 1.00 19.17 -1.43
CA LEU C 80 1.95 18.91 -0.35
C LEU C 80 2.81 20.14 -0.17
N ASN C 81 2.88 20.63 1.08
CA ASN C 81 3.72 21.76 1.44
C ASN C 81 4.82 21.29 2.36
N VAL C 82 6.07 21.50 1.95
CA VAL C 82 7.24 21.16 2.75
C VAL C 82 7.84 22.46 3.26
N SER C 83 7.79 22.67 4.57
CA SER C 83 8.29 23.87 5.21
C SER C 83 9.68 23.63 5.79
N SER C 84 10.33 24.71 6.18
CA SER C 84 11.64 24.67 6.84
C SER C 84 12.61 23.79 6.06
N VAL C 85 12.78 24.11 4.78
CA VAL C 85 13.68 23.34 3.93
C VAL C 85 15.12 23.55 4.38
N THR C 86 15.91 22.47 4.34
CA THR C 86 17.30 22.50 4.78
C THR C 86 18.27 22.29 3.61
N ALA C 87 17.81 22.47 2.38
CA ALA C 87 18.64 22.36 1.19
C ALA C 87 18.99 20.92 0.86
N ALA C 88 18.60 19.99 1.72
CA ALA C 88 18.77 18.56 1.46
C ALA C 88 17.52 17.94 0.87
N ASP C 89 16.49 18.73 0.60
CA ASP C 89 15.22 18.23 0.10
C ASP C 89 15.13 18.25 -1.42
N THR C 90 16.17 18.73 -2.11
CA THR C 90 16.15 18.72 -3.57
C THR C 90 15.93 17.29 -4.06
N ALA C 91 14.94 17.12 -4.93
CA ALA C 91 14.57 15.79 -5.41
C ALA C 91 13.47 15.94 -6.45
N VAL C 92 13.18 14.83 -7.12
CA VAL C 92 12.08 14.74 -8.07
C VAL C 92 10.87 14.21 -7.30
N TYR C 93 10.07 15.12 -6.77
CA TYR C 93 8.89 14.72 -6.01
C TYR C 93 7.89 14.05 -6.94
N TYR C 94 7.29 12.95 -6.47
CA TYR C 94 6.38 12.14 -7.25
C TYR C 94 5.01 12.14 -6.59
N CYS C 95 3.96 12.26 -7.40
CA CYS C 95 2.64 11.89 -6.92
C CYS C 95 2.51 10.37 -6.94
N ALA C 96 1.53 9.87 -6.19
CA ALA C 96 1.34 8.43 -6.14
C ALA C 96 -0.09 8.12 -5.72
N ARG C 97 -0.50 6.89 -6.01
CA ARG C 97 -1.80 6.37 -5.62
C ARG C 97 -1.62 4.99 -5.01
N SER C 98 -2.39 4.72 -3.96
CA SER C 98 -2.38 3.43 -3.29
C SER C 98 -3.83 2.96 -3.19
N GLN C 99 -4.18 1.93 -3.96
CA GLN C 99 -5.55 1.44 -3.95
C GLN C 99 -6.02 1.21 -2.52
N GLY C 100 -7.33 1.36 -2.31
CA GLY C 100 -7.90 1.19 -1.00
C GLY C 100 -7.89 2.46 -0.19
N GLY C 101 -8.50 2.36 0.99
CA GLY C 101 -8.59 3.48 1.90
C GLY C 101 -9.97 3.61 2.51
N SER C 102 -11.00 3.28 1.73
CA SER C 102 -12.35 3.24 2.27
C SER C 102 -12.59 1.99 3.09
N GLY C 103 -11.99 0.87 2.68
CA GLY C 103 -12.13 -0.39 3.36
C GLY C 103 -10.93 -0.72 4.21
N LEU C 104 -10.79 -2.01 4.51
CA LEU C 104 -9.71 -2.52 5.34
C LEU C 104 -8.58 -3.13 4.53
N PHE C 105 -8.61 -3.00 3.21
CA PHE C 105 -7.76 -3.80 2.35
C PHE C 105 -6.86 -2.91 1.51
N ARG C 106 -6.24 -1.92 2.13
CA ARG C 106 -5.38 -0.99 1.41
C ARG C 106 -4.18 -1.73 0.82
N ALA C 107 -3.92 -1.47 -0.45
CA ALA C 107 -2.75 -1.98 -1.15
C ALA C 107 -1.69 -0.89 -1.17
N LYS C 108 -0.60 -1.11 -0.43
CA LYS C 108 0.37 -0.04 -0.23
C LYS C 108 1.09 0.34 -1.52
N TRP C 109 1.45 -0.65 -2.34
CA TRP C 109 2.30 -0.36 -3.49
C TRP C 109 1.69 0.71 -4.39
N PHE C 110 2.53 1.64 -4.82
CA PHE C 110 2.11 2.80 -5.59
C PHE C 110 2.12 2.44 -7.07
N ASP C 111 1.00 1.92 -7.57
CA ASP C 111 0.98 1.45 -8.94
C ASP C 111 1.06 2.62 -9.92
N PRO C 112 0.07 3.53 -10.00
CA PRO C 112 0.17 4.63 -10.95
C PRO C 112 0.97 5.78 -10.37
N TRP C 113 2.19 5.97 -10.88
CA TRP C 113 3.02 7.09 -10.47
C TRP C 113 2.66 8.30 -11.31
N GLY C 114 3.46 9.34 -11.24
CA GLY C 114 3.30 10.49 -12.12
C GLY C 114 4.63 11.17 -12.33
N GLN C 115 4.80 11.73 -13.53
CA GLN C 115 6.04 12.45 -13.82
C GLN C 115 6.30 13.50 -12.75
N GLY C 116 7.46 13.42 -12.13
CA GLY C 116 7.79 14.25 -10.98
C GLY C 116 8.53 15.50 -11.39
N THR C 117 8.17 16.62 -10.76
CA THR C 117 8.86 17.88 -10.99
C THR C 117 10.08 17.97 -10.08
N LEU C 118 11.20 18.39 -10.65
CA LEU C 118 12.44 18.55 -9.91
C LEU C 118 12.49 19.95 -9.33
N VAL C 119 12.68 20.04 -8.02
CA VAL C 119 12.77 21.32 -7.31
C VAL C 119 14.20 21.49 -6.82
N THR C 120 14.79 22.65 -7.11
CA THR C 120 16.13 22.99 -6.67
C THR C 120 16.04 24.11 -5.65
N VAL C 121 16.52 23.86 -4.44
CA VAL C 121 16.45 24.85 -3.38
C VAL C 121 17.28 26.06 -3.75
N GLU D 1 12.46 1.96 10.49
CA GLU D 1 12.85 2.23 9.08
C GLU D 1 13.72 1.11 8.53
N ILE D 2 13.08 0.13 7.90
CA ILE D 2 13.82 -1.01 7.35
C ILE D 2 14.65 -0.51 6.18
N VAL D 3 15.97 -0.65 6.29
CA VAL D 3 16.89 -0.21 5.25
C VAL D 3 17.08 -1.36 4.27
N LEU D 4 16.71 -1.13 3.01
CA LEU D 4 16.86 -2.13 1.96
C LEU D 4 18.09 -1.81 1.13
N THR D 5 18.93 -2.82 0.93
CA THR D 5 20.16 -2.68 0.15
C THR D 5 20.09 -3.61 -1.06
N GLN D 6 20.35 -3.06 -2.24
CA GLN D 6 20.41 -3.83 -3.47
C GLN D 6 21.87 -4.10 -3.82
N SER D 7 22.24 -5.38 -3.84
CA SER D 7 23.65 -5.75 -3.87
C SER D 7 24.31 -5.29 -5.17
N PRO D 8 23.81 -5.69 -6.34
CA PRO D 8 24.47 -5.28 -7.59
C PRO D 8 24.08 -3.85 -7.97
N GLY D 9 25.02 -2.93 -7.77
CA GLY D 9 24.75 -1.55 -8.16
C GLY D 9 24.52 -1.38 -9.64
N THR D 10 25.28 -2.12 -10.45
CA THR D 10 25.10 -2.09 -11.91
C THR D 10 25.48 -3.45 -12.45
N LEU D 11 24.53 -4.10 -13.14
CA LEU D 11 24.75 -5.39 -13.77
C LEU D 11 24.80 -5.16 -15.27
N SER D 12 25.98 -4.80 -15.77
CA SER D 12 26.14 -4.47 -17.17
C SER D 12 26.09 -5.72 -18.02
N LEU D 13 25.27 -5.70 -19.07
CA LEU D 13 25.12 -6.86 -19.94
C LEU D 13 24.74 -6.38 -21.34
N SER D 14 24.94 -7.25 -22.30
CA SER D 14 24.37 -7.08 -23.62
C SER D 14 23.10 -7.90 -23.74
N PRO D 15 22.23 -7.58 -24.70
CA PRO D 15 20.91 -8.25 -24.73
C PRO D 15 21.04 -9.77 -24.71
N GLY D 16 20.25 -10.38 -23.83
CA GLY D 16 20.25 -11.83 -23.68
C GLY D 16 21.06 -12.28 -22.49
N GLU D 17 20.38 -12.58 -21.38
CA GLU D 17 21.04 -13.04 -20.17
C GLU D 17 20.02 -13.36 -19.08
N ARG D 18 20.38 -14.26 -18.17
CA ARG D 18 19.55 -14.51 -16.98
C ARG D 18 19.98 -13.57 -15.84
N ALA D 19 19.67 -12.30 -16.03
CA ALA D 19 20.06 -11.29 -15.05
C ALA D 19 19.36 -11.53 -13.72
N THR D 20 20.10 -11.39 -12.63
CA THR D 20 19.57 -11.57 -11.29
C THR D 20 19.91 -10.35 -10.45
N LEU D 21 18.87 -9.73 -9.89
CA LEU D 21 19.03 -8.61 -8.96
C LEU D 21 18.56 -9.03 -7.59
N SER D 22 19.31 -8.68 -6.56
CA SER D 22 19.03 -9.09 -5.20
C SER D 22 18.97 -7.88 -4.28
N CYS D 23 18.17 -8.00 -3.23
CA CYS D 23 18.08 -6.94 -2.24
C CYS D 23 17.67 -7.54 -0.90
N ARG D 24 18.33 -7.09 0.16
CA ARG D 24 18.16 -7.63 1.50
C ARG D 24 17.61 -6.54 2.41
N ALA D 25 17.05 -6.96 3.54
CA ALA D 25 16.43 -6.06 4.49
C ALA D 25 17.09 -6.19 5.85
N SER D 26 17.12 -5.08 6.60
CA SER D 26 17.66 -5.11 7.94
C SER D 26 16.82 -5.98 8.86
N GLN D 27 15.50 -5.95 8.69
CA GLN D 27 14.58 -6.77 9.45
C GLN D 27 13.66 -7.52 8.50
N SER D 28 13.08 -8.61 9.00
CA SER D 28 12.19 -9.42 8.19
C SER D 28 10.98 -8.60 7.73
N VAL D 29 10.63 -8.75 6.46
CA VAL D 29 9.47 -8.07 5.89
C VAL D 29 8.27 -9.01 5.96
N SER D 30 7.16 -8.50 6.45
CA SER D 30 5.99 -9.34 6.66
C SER D 30 5.43 -9.85 5.33
N SER D 31 5.16 -11.15 5.28
CA SER D 31 4.47 -11.76 4.14
C SER D 31 5.27 -11.63 2.84
N SER D 32 6.57 -11.42 2.94
CA SER D 32 7.41 -11.19 1.77
C SER D 32 6.83 -10.06 0.92
N TYR D 33 6.31 -9.04 1.61
CA TYR D 33 5.64 -7.93 0.95
C TYR D 33 6.69 -7.02 0.35
N LEU D 34 7.08 -7.31 -0.89
CA LEU D 34 8.01 -6.48 -1.63
C LEU D 34 7.55 -6.38 -3.08
N ALA D 35 7.27 -5.16 -3.52
CA ALA D 35 6.81 -4.90 -4.88
C ALA D 35 7.91 -4.14 -5.62
N TRP D 36 8.50 -4.78 -6.63
CA TRP D 36 9.52 -4.12 -7.42
C TRP D 36 8.87 -3.10 -8.36
N TYR D 37 9.71 -2.22 -8.91
CA TYR D 37 9.25 -1.20 -9.83
C TYR D 37 10.22 -1.10 -10.99
N GLN D 38 9.86 -0.27 -11.97
CA GLN D 38 10.70 0.02 -13.11
C GLN D 38 10.82 1.52 -13.26
N HIS D 39 11.96 1.98 -13.76
CA HIS D 39 12.21 3.41 -13.96
C HIS D 39 13.00 3.58 -15.26
N LYS D 40 12.29 3.79 -16.35
CA LYS D 40 12.93 4.23 -17.58
C LYS D 40 13.18 5.73 -17.48
N PRO D 41 14.41 6.20 -17.74
CA PRO D 41 14.71 7.63 -17.53
C PRO D 41 13.65 8.55 -18.10
N GLY D 42 13.00 9.31 -17.23
CA GLY D 42 11.93 10.22 -17.63
C GLY D 42 10.55 9.61 -17.60
N GLN D 43 10.41 8.38 -18.08
CA GLN D 43 9.11 7.73 -18.13
C GLN D 43 8.60 7.45 -16.72
N ALA D 44 7.28 7.39 -16.60
CA ALA D 44 6.66 7.20 -15.30
C ALA D 44 7.01 5.82 -14.75
N PRO D 45 7.45 5.72 -13.49
CA PRO D 45 7.76 4.41 -12.93
C PRO D 45 6.56 3.48 -12.94
N ARG D 46 6.83 2.19 -13.18
CA ARG D 46 5.81 1.17 -13.28
C ARG D 46 5.88 0.23 -12.08
N LEU D 47 4.88 -0.62 -11.97
CA LEU D 47 4.80 -1.65 -10.93
C LEU D 47 5.01 -3.00 -11.62
N LEU D 48 6.24 -3.50 -11.58
CA LEU D 48 6.54 -4.76 -12.24
C LEU D 48 5.95 -5.93 -11.47
N MET D 49 6.13 -5.94 -10.14
CA MET D 49 5.66 -7.05 -9.34
C MET D 49 5.18 -6.56 -7.98
N TYR D 50 4.22 -7.28 -7.41
CA TYR D 50 3.73 -7.05 -6.06
C TYR D 50 3.73 -8.36 -5.32
N GLY D 51 4.09 -8.33 -4.03
CA GLY D 51 4.17 -9.55 -3.25
C GLY D 51 5.45 -10.33 -3.44
N ALA D 52 6.39 -9.82 -4.23
CA ALA D 52 7.71 -10.37 -4.49
C ALA D 52 7.68 -11.54 -5.47
N SER D 53 6.51 -12.07 -5.81
CA SER D 53 6.44 -13.19 -6.76
C SER D 53 5.29 -13.07 -7.74
N SER D 54 4.52 -11.98 -7.73
CA SER D 54 3.38 -11.81 -8.62
C SER D 54 3.62 -10.64 -9.55
N ARG D 55 3.25 -10.80 -10.81
CA ARG D 55 3.45 -9.79 -11.83
C ARG D 55 2.18 -8.98 -12.00
N ALA D 56 2.29 -7.66 -11.91
CA ALA D 56 1.16 -6.81 -12.20
C ALA D 56 0.87 -6.85 -13.70
N PRO D 57 -0.40 -6.68 -14.11
CA PRO D 57 -0.71 -6.71 -15.54
C PRO D 57 0.08 -5.65 -16.29
N GLY D 58 0.50 -6.01 -17.51
CA GLY D 58 1.23 -5.11 -18.37
C GLY D 58 2.72 -5.37 -18.46
N THR D 59 3.26 -6.24 -17.60
CA THR D 59 4.66 -6.60 -17.64
C THR D 59 4.82 -8.04 -18.14
N PRO D 60 5.82 -8.32 -18.96
CA PRO D 60 5.92 -9.65 -19.57
C PRO D 60 6.23 -10.72 -18.52
N ASP D 61 6.25 -11.96 -18.98
CA ASP D 61 6.48 -13.10 -18.10
C ASP D 61 7.96 -13.30 -17.78
N ARG D 62 8.86 -12.62 -18.48
CA ARG D 62 10.29 -12.85 -18.24
C ARG D 62 10.71 -12.42 -16.84
N PHE D 63 9.89 -11.64 -16.15
CA PHE D 63 10.20 -11.21 -14.79
C PHE D 63 9.68 -12.24 -13.81
N SER D 64 10.59 -12.91 -13.09
CA SER D 64 10.22 -13.89 -12.08
C SER D 64 10.89 -13.50 -10.76
N GLY D 65 10.11 -13.45 -9.69
CA GLY D 65 10.61 -12.98 -8.41
C GLY D 65 10.45 -14.03 -7.34
N SER D 66 11.41 -14.05 -6.42
CA SER D 66 11.39 -15.03 -5.34
C SER D 66 12.11 -14.44 -4.13
N GLY D 67 11.63 -14.78 -2.94
CA GLY D 67 12.31 -14.37 -1.74
C GLY D 67 11.43 -14.48 -0.53
N SER D 68 12.05 -14.26 0.63
CA SER D 68 11.36 -14.30 1.90
C SER D 68 12.19 -13.56 2.93
N GLY D 69 11.51 -13.07 3.97
CA GLY D 69 12.19 -12.44 5.08
C GLY D 69 13.27 -11.47 4.67
N THR D 70 14.52 -11.81 4.99
CA THR D 70 15.63 -10.91 4.73
C THR D 70 15.86 -10.72 3.23
N ASP D 71 15.86 -11.80 2.46
CA ASP D 71 16.41 -11.79 1.10
C ASP D 71 15.30 -11.86 0.07
N PHE D 72 15.35 -10.96 -0.91
CA PHE D 72 14.41 -10.98 -2.03
C PHE D 72 15.19 -10.78 -3.32
N THR D 73 14.66 -11.30 -4.42
CA THR D 73 15.39 -11.25 -5.68
C THR D 73 14.43 -11.26 -6.85
N LEU D 74 14.84 -10.54 -7.90
CA LEU D 74 14.16 -10.47 -9.18
C LEU D 74 15.06 -11.09 -10.24
N THR D 75 14.45 -11.72 -11.25
CA THR D 75 15.20 -12.40 -12.29
C THR D 75 14.58 -12.09 -13.65
N ILE D 76 15.43 -11.71 -14.60
CA ILE D 76 15.05 -11.53 -15.99
C ILE D 76 15.67 -12.71 -16.75
N SER D 77 14.82 -13.60 -17.26
CA SER D 77 15.31 -14.77 -17.97
C SER D 77 16.05 -14.37 -19.25
N ARG D 78 15.41 -13.56 -20.09
CA ARG D 78 16.02 -13.03 -21.28
C ARG D 78 15.76 -11.53 -21.36
N LEU D 79 16.67 -10.83 -22.01
CA LEU D 79 16.66 -9.37 -22.04
C LEU D 79 16.36 -8.86 -23.44
N GLU D 80 15.58 -7.79 -23.50
CA GLU D 80 15.23 -7.08 -24.72
C GLU D 80 15.64 -5.63 -24.56
N PRO D 81 15.88 -4.92 -25.67
CA PRO D 81 16.36 -3.54 -25.55
C PRO D 81 15.37 -2.60 -24.88
N GLU D 82 14.10 -2.97 -24.79
CA GLU D 82 13.09 -2.13 -24.17
C GLU D 82 12.77 -2.57 -22.74
N ASP D 83 13.57 -3.47 -22.15
CA ASP D 83 13.32 -3.97 -20.81
C ASP D 83 14.52 -3.78 -19.88
N PHE D 84 15.48 -2.92 -20.22
CA PHE D 84 16.63 -2.66 -19.36
C PHE D 84 16.55 -1.24 -18.85
N ALA D 85 16.61 -1.08 -17.53
CA ALA D 85 16.49 0.22 -16.88
C ALA D 85 16.78 0.07 -15.38
N VAL D 86 16.58 1.13 -14.61
CA VAL D 86 16.76 1.03 -13.17
C VAL D 86 15.66 0.17 -12.56
N TYR D 87 15.95 -0.43 -11.42
CA TYR D 87 15.01 -1.30 -10.71
C TYR D 87 15.09 -1.00 -9.23
N TYR D 88 13.98 -1.24 -8.52
CA TYR D 88 13.85 -0.88 -7.12
C TYR D 88 13.19 -2.01 -6.34
N CYS D 89 13.52 -2.06 -5.04
CA CYS D 89 12.79 -2.85 -4.07
C CYS D 89 11.91 -1.91 -3.25
N GLN D 90 10.72 -2.36 -2.89
CA GLN D 90 9.80 -1.59 -2.06
C GLN D 90 9.15 -2.52 -1.06
N GLN D 91 9.48 -2.37 0.22
CA GLN D 91 8.85 -3.12 1.29
C GLN D 91 7.75 -2.29 1.92
N TYR D 92 6.59 -2.90 2.10
CA TYR D 92 5.46 -2.25 2.74
C TYR D 92 4.94 -3.09 3.89
N GLY D 93 5.86 -3.62 4.70
CA GLY D 93 5.50 -4.33 5.91
C GLY D 93 5.89 -3.56 7.16
N SER D 94 6.59 -2.44 6.99
CA SER D 94 6.98 -1.58 8.09
C SER D 94 6.15 -0.30 8.07
N SER D 95 6.02 0.32 9.24
CA SER D 95 5.21 1.54 9.33
C SER D 95 5.69 2.61 8.37
N PRO D 96 6.97 2.95 8.31
CA PRO D 96 7.44 3.80 7.21
C PRO D 96 7.84 2.97 5.99
N ARG D 97 7.23 3.25 4.85
CA ARG D 97 7.54 2.51 3.63
C ARG D 97 8.90 2.93 3.11
N THR D 98 9.82 1.97 3.00
CA THR D 98 11.19 2.23 2.61
C THR D 98 11.49 1.59 1.27
N PHE D 99 12.15 2.33 0.40
CA PHE D 99 12.54 1.86 -0.92
C PHE D 99 13.95 1.26 -0.84
N GLY D 100 14.57 1.00 -1.99
CA GLY D 100 15.93 0.53 -2.03
C GLY D 100 16.71 1.27 -3.11
N GLN D 101 18.02 1.10 -3.06
CA GLN D 101 18.89 1.74 -4.04
C GLN D 101 18.65 1.14 -5.42
N GLY D 102 18.88 1.97 -6.44
CA GLY D 102 18.67 1.51 -7.80
C GLY D 102 19.70 0.49 -8.24
N THR D 103 19.32 -0.34 -9.20
CA THR D 103 20.19 -1.35 -9.80
C THR D 103 20.13 -1.15 -11.31
N LYS D 104 21.00 -0.29 -11.82
CA LYS D 104 21.00 0.02 -13.24
C LYS D 104 21.51 -1.16 -14.05
N VAL D 105 21.02 -1.27 -15.28
CA VAL D 105 21.45 -2.33 -16.19
C VAL D 105 22.19 -1.73 -17.36
#